data_6FR5
#
_entry.id   6FR5
#
_cell.length_a   43.080
_cell.length_b   81.180
_cell.length_c   64.790
_cell.angle_alpha   90.00
_cell.angle_beta   90.37
_cell.angle_gamma   90.00
#
_symmetry.space_group_name_H-M   'P 1 21 1'
#
loop_
_entity.id
_entity.type
_entity.pdbx_description
1 polymer 'TCR HA1.7 specific for FLU epitope PKYVKQNTLKLAT, alpha chain'
2 polymer 'TCR HA1.7 specific for FLU epitope PKYVKQNTLKLAT, beta chain'
3 non-polymer 1,2-ETHANEDIOL
4 non-polymer GLYCEROL
5 non-polymer 'ACETATE ION'
6 water water
#
loop_
_entity_poly.entity_id
_entity_poly.type
_entity_poly.pdbx_seq_one_letter_code
_entity_poly.pdbx_strand_id
1 'polypeptide(L)'
;MKQEVTQIPAALSVPEGENLVLNCSFTDSAIYNLQWFRQDPGKGLTSLLLIQSSQREQTSGRLNASLDKSSGRSTLYIAA
SQPGDSATYLCAVTNFNKFYFGSGTKLNVKPNIQNPDPAVYQLRDSKSSDKSVCLFTDFDSQTNVSQSKDSDVYITDKCV
LDMRSMDFKSNSAVAWSNKSDFACANAFNNSIIPEDTFFPSP
;
A
2 'polypeptide(L)'
;MKAGVTQTPRYLIKTRGQQVTLSCSPISGHRSVSWYQQTPGQGLQFLFEYFSETQRNKGNFPGRFSGRQFSNSRSEMNVS
TLELGDSALYLCASSFDSGNSPLHFGNGTRLTVTEDLNKVFPPEVAVFEPSEAEISHTQKATLVCLATGFFPDHVELSWW
VNGKEVHSGVCTDPQPLKEQPALNDSRYSLSSRLRVSATFWQNPRNHFRCQVQFYGLSENDEWTQDRAKPVTQIVSAEAW
GRAD
;
B
#
loop_
_chem_comp.id
_chem_comp.type
_chem_comp.name
_chem_comp.formula
ACT non-polymer 'ACETATE ION' 'C2 H3 O2 -1'
EDO non-polymer 1,2-ETHANEDIOL 'C2 H6 O2'
GOL non-polymer GLYCEROL 'C3 H8 O3'
#
# COMPACT_ATOMS: atom_id res chain seq x y z
N MET A 1 -24.23 20.33 16.31
CA MET A 1 -24.64 19.17 15.47
C MET A 1 -23.46 18.28 15.20
N LYS A 2 -23.73 17.04 14.78
CA LYS A 2 -22.69 16.08 14.42
C LYS A 2 -22.24 16.25 12.95
N GLN A 3 -20.96 16.51 12.70
CA GLN A 3 -20.41 16.59 11.31
C GLN A 3 -20.40 15.17 10.70
N GLU A 4 -20.82 15.03 9.44
CA GLU A 4 -20.68 13.78 8.69
C GLU A 4 -20.13 14.18 7.32
N VAL A 5 -18.98 13.62 6.98
CA VAL A 5 -18.31 13.82 5.66
C VAL A 5 -18.54 12.59 4.83
N THR A 6 -19.14 12.75 3.65
CA THR A 6 -19.44 11.66 2.71
C THR A 6 -18.73 11.85 1.41
N GLN A 7 -18.09 10.82 0.94
CA GLN A 7 -17.42 10.84 -0.39
C GLN A 7 -17.99 9.79 -1.30
N ILE A 8 -18.28 10.15 -2.54
CA ILE A 8 -18.69 9.15 -3.55
C ILE A 8 -17.96 9.50 -4.84
N PRO A 9 -17.68 8.50 -5.68
CA PRO A 9 -17.87 7.09 -5.44
C PRO A 9 -16.84 6.50 -4.47
N ALA A 10 -17.12 5.38 -3.89
CA ALA A 10 -16.12 4.69 -3.06
C ALA A 10 -14.94 4.25 -3.92
N ALA A 11 -15.21 3.81 -5.14
CA ALA A 11 -14.15 3.34 -6.06
C ALA A 11 -14.47 3.79 -7.46
N LEU A 12 -13.44 4.08 -8.22
CA LEU A 12 -13.60 4.62 -9.62
C LEU A 12 -12.48 3.99 -10.44
N SER A 13 -12.82 3.33 -11.53
CA SER A 13 -11.86 2.79 -12.47
C SER A 13 -12.12 3.42 -13.82
N VAL A 14 -11.13 4.04 -14.39
CA VAL A 14 -11.36 4.70 -15.69
C VAL A 14 -10.19 4.60 -16.60
N PRO A 15 -10.44 4.69 -17.89
CA PRO A 15 -9.34 4.71 -18.83
C PRO A 15 -8.53 5.99 -18.74
N GLU A 16 -7.11 5.84 -18.87
CA GLU A 16 -6.34 7.07 -18.93
C GLU A 16 -6.80 8.02 -20.01
N GLY A 17 -6.63 9.30 -19.70
CA GLY A 17 -7.05 10.38 -20.61
C GLY A 17 -8.39 10.98 -20.29
N GLU A 18 -9.29 10.22 -19.65
CA GLU A 18 -10.56 10.77 -19.23
C GLU A 18 -10.44 11.76 -18.09
N ASN A 19 -11.26 12.78 -18.15
CA ASN A 19 -11.49 13.61 -17.00
C ASN A 19 -12.23 12.82 -15.95
N LEU A 20 -12.10 13.18 -14.69
CA LEU A 20 -12.94 12.57 -13.68
C LEU A 20 -13.41 13.56 -12.59
N VAL A 21 -14.41 13.12 -11.85
CA VAL A 21 -15.09 13.93 -10.87
C VAL A 21 -15.21 13.15 -9.59
N LEU A 22 -14.76 13.75 -8.49
CA LEU A 22 -14.81 13.19 -7.13
CA LEU A 22 -14.81 13.19 -7.13
C LEU A 22 -15.66 14.12 -6.27
N ASN A 23 -16.59 13.53 -5.50
CA ASN A 23 -17.56 14.33 -4.75
C ASN A 23 -17.32 14.21 -3.26
N CYS A 24 -17.48 15.32 -2.55
CA CYS A 24 -17.42 15.37 -1.10
C CYS A 24 -18.56 16.20 -0.58
N SER A 25 -19.17 15.78 0.53
CA SER A 25 -20.19 16.58 1.16
C SER A 25 -19.97 16.56 2.67
N PHE A 26 -20.51 17.59 3.32
CA PHE A 26 -20.36 17.78 4.77
C PHE A 26 -21.65 18.38 5.31
N THR A 27 -22.21 17.77 6.33
CA THR A 27 -23.52 18.20 6.82
C THR A 27 -23.50 19.48 7.66
N ASP A 28 -22.38 19.77 8.31
CA ASP A 28 -22.23 21.01 9.12
C ASP A 28 -21.40 21.99 8.33
N SER A 29 -22.05 23.03 7.82
CA SER A 29 -21.41 24.09 6.99
C SER A 29 -20.49 25.05 7.75
N ALA A 30 -20.40 24.95 9.08
CA ALA A 30 -19.50 25.82 9.91
C ALA A 30 -18.04 25.31 9.91
N ILE A 31 -17.43 25.25 8.73
CA ILE A 31 -16.05 24.79 8.58
C ILE A 31 -15.13 25.95 8.31
N TYR A 32 -13.85 25.79 8.62
CA TYR A 32 -12.80 26.79 8.43
C TYR A 32 -12.00 26.57 7.15
N ASN A 33 -11.80 25.30 6.80
CA ASN A 33 -11.19 24.96 5.54
C ASN A 33 -11.70 23.57 5.09
N LEU A 34 -11.54 23.29 3.81
CA LEU A 34 -11.70 21.93 3.25
C LEU A 34 -10.40 21.61 2.54
N GLN A 35 -9.89 20.38 2.76
N GLN A 35 -9.94 20.36 2.70
CA GLN A 35 -8.67 19.92 2.10
CA GLN A 35 -8.66 19.94 2.15
C GLN A 35 -8.90 18.63 1.35
C GLN A 35 -8.84 18.62 1.42
N TRP A 36 -8.20 18.50 0.24
CA TRP A 36 -8.13 17.26 -0.53
C TRP A 36 -6.71 16.70 -0.46
N PHE A 37 -6.59 15.38 -0.28
CA PHE A 37 -5.34 14.65 -0.18
C PHE A 37 -5.36 13.43 -1.09
N ARG A 38 -4.18 12.94 -1.46
CA ARG A 38 -4.06 11.60 -2.00
C ARG A 38 -3.20 10.76 -1.09
N GLN A 39 -3.45 9.47 -1.11
CA GLN A 39 -2.69 8.48 -0.35
C GLN A 39 -2.38 7.25 -1.18
N ASP A 40 -1.10 6.90 -1.30
CA ASP A 40 -0.66 5.73 -2.02
C ASP A 40 -0.57 4.55 -1.03
N PRO A 41 -0.70 3.29 -1.52
CA PRO A 41 -0.52 2.10 -0.66
C PRO A 41 0.83 2.14 0.04
N GLY A 42 0.76 2.07 1.35
CA GLY A 42 1.91 1.91 2.21
C GLY A 42 2.62 3.19 2.55
N LYS A 43 1.92 4.31 2.32
CA LYS A 43 2.43 5.65 2.57
C LYS A 43 1.41 6.48 3.36
N GLY A 44 1.87 7.61 3.85
CA GLY A 44 1.03 8.68 4.37
C GLY A 44 0.28 9.48 3.31
N LEU A 45 -0.33 10.59 3.71
CA LEU A 45 -1.13 11.44 2.84
C LEU A 45 -0.32 12.61 2.28
N THR A 46 -0.63 13.00 1.05
CA THR A 46 -0.06 14.23 0.42
C THR A 46 -1.18 15.21 0.20
N SER A 47 -0.99 16.43 0.71
CA SER A 47 -1.91 17.54 0.51
C SER A 47 -1.93 17.97 -0.95
N LEU A 48 -3.12 18.00 -1.53
CA LEU A 48 -3.30 18.49 -2.93
C LEU A 48 -3.84 19.93 -3.00
N LEU A 49 -4.89 20.25 -2.28
CA LEU A 49 -5.56 21.56 -2.31
C LEU A 49 -6.04 21.86 -0.90
N LEU A 50 -6.04 23.12 -0.53
CA LEU A 50 -6.65 23.61 0.69
C LEU A 50 -7.52 24.76 0.23
N ILE A 51 -8.79 24.71 0.55
CA ILE A 51 -9.72 25.78 0.17
C ILE A 51 -10.15 26.40 1.48
N GLN A 52 -9.87 27.70 1.66
CA GLN A 52 -10.34 28.41 2.85
CA GLN A 52 -10.35 28.37 2.88
C GLN A 52 -11.88 28.58 2.80
N SER A 53 -12.53 28.65 3.98
CA SER A 53 -14.00 28.88 4.05
C SER A 53 -14.51 30.10 3.24
N SER A 54 -13.66 31.09 3.03
CA SER A 54 -14.00 32.27 2.24
C SER A 54 -13.80 32.13 0.74
N GLN A 55 -13.21 31.03 0.29
CA GLN A 55 -12.88 30.78 -1.11
C GLN A 55 -13.88 29.86 -1.78
N ARG A 56 -14.04 30.04 -3.08
CA ARG A 56 -14.92 29.20 -3.90
C ARG A 56 -14.22 28.14 -4.71
N GLU A 57 -12.92 28.26 -4.93
CA GLU A 57 -12.18 27.25 -5.68
C GLU A 57 -10.69 27.39 -5.50
N GLN A 58 -9.98 26.30 -5.79
CA GLN A 58 -8.53 26.27 -5.91
C GLN A 58 -8.11 25.40 -7.06
N THR A 59 -7.03 25.78 -7.75
CA THR A 59 -6.50 25.02 -8.88
C THR A 59 -5.02 24.74 -8.69
N SER A 60 -4.59 23.54 -9.07
CA SER A 60 -3.16 23.19 -9.04
C SER A 60 -2.97 22.17 -10.16
N GLY A 61 -2.31 22.58 -11.24
CA GLY A 61 -2.06 21.67 -12.36
C GLY A 61 -3.37 21.21 -13.05
N ARG A 62 -3.54 19.91 -13.10
CA ARG A 62 -4.79 19.28 -13.65
C ARG A 62 -5.90 19.19 -12.64
N LEU A 63 -5.66 19.62 -11.40
CA LEU A 63 -6.69 19.54 -10.33
C LEU A 63 -7.39 20.86 -10.11
N ASN A 64 -8.70 20.82 -10.02
CA ASN A 64 -9.45 22.00 -9.66
C ASN A 64 -10.53 21.58 -8.72
N ALA A 65 -10.69 22.25 -7.57
CA ALA A 65 -11.78 21.88 -6.65
C ALA A 65 -12.60 23.09 -6.35
N SER A 66 -13.92 22.91 -6.33
CA SER A 66 -14.83 23.94 -5.91
C SER A 66 -15.26 23.72 -4.49
N LEU A 67 -15.72 24.78 -3.84
CA LEU A 67 -16.30 24.71 -2.51
C LEU A 67 -17.54 25.55 -2.50
N ASP A 68 -18.65 24.91 -2.08
CA ASP A 68 -19.91 25.63 -1.84
C ASP A 68 -20.21 25.41 -0.36
N LYS A 69 -19.79 26.32 0.51
CA LYS A 69 -19.83 26.08 1.91
C LYS A 69 -21.28 25.93 2.40
N SER A 70 -22.16 26.83 1.99
CA SER A 70 -23.53 26.80 2.49
C SER A 70 -24.25 25.53 1.99
N SER A 71 -23.95 25.04 0.81
CA SER A 71 -24.56 23.78 0.33
C SER A 71 -23.92 22.56 0.94
N GLY A 72 -22.77 22.71 1.61
CA GLY A 72 -22.05 21.54 2.14
C GLY A 72 -21.43 20.64 1.10
N ARG A 73 -20.81 21.19 0.06
CA ARG A 73 -20.28 20.41 -1.01
C ARG A 73 -18.91 20.91 -1.51
N SER A 74 -18.07 19.96 -1.92
CA SER A 74 -16.87 20.23 -2.71
C SER A 74 -16.80 19.20 -3.80
N THR A 75 -16.39 19.61 -4.99
CA THR A 75 -16.10 18.68 -6.09
C THR A 75 -14.65 18.85 -6.47
N LEU A 76 -13.93 17.76 -6.59
CA LEU A 76 -12.58 17.71 -7.16
C LEU A 76 -12.64 17.20 -8.60
N TYR A 77 -12.21 18.03 -9.54
CA TYR A 77 -12.10 17.71 -10.94
C TYR A 77 -10.68 17.38 -11.27
N ILE A 78 -10.41 16.21 -11.85
CA ILE A 78 -9.06 15.86 -12.33
C ILE A 78 -9.11 15.76 -13.83
N ALA A 79 -8.42 16.65 -14.50
CA ALA A 79 -8.41 16.63 -15.97
C ALA A 79 -7.46 15.57 -16.49
N ALA A 80 -7.82 14.97 -17.65
CA ALA A 80 -6.88 14.19 -18.45
C ALA A 80 -6.07 13.20 -17.59
N SER A 81 -6.79 12.27 -16.97
CA SER A 81 -6.21 11.41 -15.96
C SER A 81 -5.01 10.60 -16.48
N GLN A 82 -4.09 10.31 -15.55
CA GLN A 82 -2.91 9.58 -15.83
C GLN A 82 -2.78 8.40 -14.90
N PRO A 83 -2.09 7.33 -15.32
CA PRO A 83 -1.92 6.20 -14.40
C PRO A 83 -1.36 6.59 -13.03
N GLY A 84 -0.43 7.55 -12.98
CA GLY A 84 0.13 8.03 -11.71
C GLY A 84 -0.82 8.83 -10.84
N ASP A 85 -2.04 9.07 -11.30
CA ASP A 85 -3.08 9.60 -10.43
C ASP A 85 -3.71 8.51 -9.54
N SER A 86 -3.46 7.24 -9.84
CA SER A 86 -4.06 6.13 -9.08
C SER A 86 -3.65 6.22 -7.61
N ALA A 87 -4.63 6.26 -6.68
CA ALA A 87 -4.44 6.56 -5.28
C ALA A 87 -5.78 6.59 -4.63
N THR A 88 -5.80 6.69 -3.32
CA THR A 88 -7.04 7.00 -2.58
C THR A 88 -7.10 8.49 -2.33
N TYR A 89 -8.21 9.11 -2.66
CA TYR A 89 -8.41 10.53 -2.52
C TYR A 89 -9.31 10.81 -1.33
N LEU A 90 -8.85 11.65 -0.41
CA LEU A 90 -9.52 11.92 0.86
C LEU A 90 -9.89 13.38 0.95
N CYS A 91 -11.10 13.62 1.47
N CYS A 91 -11.14 13.70 1.32
CA CYS A 91 -11.66 14.92 1.70
CA CYS A 91 -11.53 15.08 1.63
C CYS A 91 -11.62 15.10 3.22
C CYS A 91 -11.74 15.19 3.13
N ALA A 92 -11.21 16.27 3.68
CA ALA A 92 -11.26 16.54 5.14
C ALA A 92 -11.75 17.92 5.34
N VAL A 93 -12.42 18.12 6.47
CA VAL A 93 -12.81 19.46 6.87
C VAL A 93 -12.31 19.75 8.27
N THR A 94 -11.98 21.03 8.52
CA THR A 94 -11.59 21.55 9.80
C THR A 94 -12.79 22.29 10.36
N ASN A 95 -13.32 21.79 11.49
CA ASN A 95 -14.39 22.40 12.22
C ASN A 95 -13.75 23.27 13.36
N PHE A 96 -14.57 23.89 14.20
CA PHE A 96 -14.03 24.82 15.21
C PHE A 96 -12.97 24.15 16.09
N ASN A 97 -13.29 22.93 16.54
CA ASN A 97 -12.36 22.22 17.44
C ASN A 97 -12.24 20.72 17.15
N LYS A 98 -12.56 20.34 15.91
CA LYS A 98 -12.49 18.93 15.49
C LYS A 98 -12.04 18.90 14.03
N PHE A 99 -11.57 17.73 13.58
CA PHE A 99 -11.19 17.50 12.18
C PHE A 99 -11.80 16.20 11.75
N TYR A 100 -12.30 16.17 10.53
CA TYR A 100 -13.05 15.00 10.04
C TYR A 100 -12.63 14.63 8.65
N PHE A 101 -12.33 13.37 8.42
CA PHE A 101 -12.00 12.84 7.13
C PHE A 101 -13.11 11.98 6.57
N GLY A 102 -13.35 12.12 5.27
CA GLY A 102 -14.21 11.15 4.57
C GLY A 102 -13.53 9.81 4.43
N SER A 103 -14.32 8.85 3.94
CA SER A 103 -13.87 7.48 3.78
C SER A 103 -13.08 7.23 2.48
N GLY A 104 -13.01 8.20 1.59
CA GLY A 104 -12.15 8.12 0.44
C GLY A 104 -12.78 7.64 -0.85
N THR A 105 -12.19 8.05 -1.96
CA THR A 105 -12.44 7.44 -3.27
C THR A 105 -11.18 6.73 -3.67
N LYS A 106 -11.25 5.45 -3.94
CA LYS A 106 -10.08 4.69 -4.44
C LYS A 106 -10.14 4.76 -5.96
N LEU A 107 -9.18 5.49 -6.53
CA LEU A 107 -9.12 5.74 -7.96
C LEU A 107 -8.10 4.85 -8.62
N ASN A 108 -8.52 4.14 -9.69
CA ASN A 108 -7.60 3.41 -10.52
C ASN A 108 -7.70 3.92 -11.94
N VAL A 109 -6.61 4.48 -12.46
CA VAL A 109 -6.56 4.96 -13.84
C VAL A 109 -5.81 3.93 -14.66
N LYS A 110 -6.52 3.27 -15.57
CA LYS A 110 -5.98 2.13 -16.35
C LYS A 110 -5.21 2.59 -17.57
N PRO A 111 -4.09 1.92 -17.93
CA PRO A 111 -3.35 2.29 -19.15
C PRO A 111 -4.10 1.83 -20.39
N ASN A 112 -3.98 2.59 -21.44
CA ASN A 112 -4.47 2.14 -22.73
C ASN A 112 -3.44 1.20 -23.34
N ILE A 113 -3.79 -0.07 -23.48
CA ILE A 113 -2.87 -1.06 -24.05
C ILE A 113 -3.03 -1.02 -25.57
N GLN A 114 -2.01 -0.50 -26.25
CA GLN A 114 -2.11 -0.28 -27.67
C GLN A 114 -2.10 -1.55 -28.50
N ASN A 115 -1.34 -2.55 -28.07
CA ASN A 115 -1.24 -3.81 -28.84
C ASN A 115 -1.40 -5.01 -27.94
N PRO A 116 -2.65 -5.30 -27.50
CA PRO A 116 -2.82 -6.47 -26.61
C PRO A 116 -2.36 -7.77 -27.23
N ASP A 117 -1.84 -8.63 -26.35
CA ASP A 117 -1.20 -9.89 -26.75
C ASP A 117 -1.42 -10.90 -25.62
N PRO A 118 -2.68 -11.11 -25.23
CA PRO A 118 -2.96 -11.92 -24.04
C PRO A 118 -2.35 -13.30 -24.12
N ALA A 119 -1.76 -13.72 -23.00
CA ALA A 119 -1.11 -15.05 -22.95
C ALA A 119 -1.05 -15.54 -21.50
N VAL A 120 -1.02 -16.86 -21.31
CA VAL A 120 -0.75 -17.46 -20.00
C VAL A 120 0.53 -18.30 -20.12
N TYR A 121 1.55 -17.87 -19.34
CA TYR A 121 2.86 -18.55 -19.34
C TYR A 121 3.11 -19.32 -18.05
N GLN A 122 3.92 -20.34 -18.10
CA GLN A 122 4.38 -21.02 -16.88
C GLN A 122 5.78 -20.58 -16.56
N LEU A 123 6.05 -20.06 -15.36
N LEU A 123 6.00 -20.04 -15.34
CA LEU A 123 7.43 -19.73 -15.04
CA LEU A 123 7.34 -19.70 -14.85
C LEU A 123 8.17 -20.95 -14.56
C LEU A 123 8.16 -20.96 -14.56
N ARG A 124 9.49 -20.87 -14.58
CA ARG A 124 10.28 -22.05 -14.17
C ARG A 124 10.12 -22.27 -12.64
N ASP A 125 10.03 -23.51 -12.16
N ASP A 125 10.11 -23.53 -12.18
CA ASP A 125 10.05 -23.72 -10.70
CA ASP A 125 10.18 -23.87 -10.70
C ASP A 125 11.34 -23.16 -10.08
C ASP A 125 11.43 -23.29 -10.04
N SER A 126 11.30 -22.85 -8.78
CA SER A 126 12.48 -22.42 -8.04
C SER A 126 12.97 -23.64 -7.32
N LYS A 127 14.28 -23.87 -7.38
CA LYS A 127 14.88 -24.98 -6.63
C LYS A 127 14.78 -24.75 -5.12
N SER A 128 14.46 -23.51 -4.72
CA SER A 128 14.22 -23.11 -3.35
C SER A 128 12.74 -22.81 -3.08
N SER A 129 11.79 -23.31 -3.91
CA SER A 129 10.36 -23.17 -3.60
C SER A 129 9.68 -24.44 -4.01
N ASP A 130 8.52 -24.67 -3.45
CA ASP A 130 7.69 -25.82 -3.89
C ASP A 130 6.43 -25.35 -4.63
N LYS A 131 6.40 -24.11 -5.11
CA LYS A 131 5.19 -23.58 -5.81
C LYS A 131 5.31 -23.71 -7.28
N SER A 132 4.17 -23.95 -7.94
CA SER A 132 4.04 -23.81 -9.40
C SER A 132 3.43 -22.45 -9.65
N VAL A 133 4.00 -21.71 -10.60
CA VAL A 133 3.64 -20.29 -10.84
C VAL A 133 3.26 -20.04 -12.31
N CYS A 134 2.15 -19.32 -12.52
CA CYS A 134 1.62 -19.03 -13.83
C CYS A 134 1.43 -17.54 -13.94
N LEU A 135 1.65 -17.00 -15.13
CA LEU A 135 1.55 -15.58 -15.38
C LEU A 135 0.58 -15.29 -16.53
N PHE A 136 -0.51 -14.62 -16.23
CA PHE A 136 -1.45 -14.14 -17.28
C PHE A 136 -1.02 -12.73 -17.57
N THR A 137 -0.67 -12.41 -18.82
CA THR A 137 -0.03 -11.11 -19.11
C THR A 137 -0.47 -10.58 -20.48
N ASP A 138 -0.29 -9.28 -20.64
CA ASP A 138 -0.37 -8.58 -21.94
C ASP A 138 -1.79 -8.43 -22.45
N PHE A 139 -2.75 -8.63 -21.58
CA PHE A 139 -4.15 -8.40 -21.89
C PHE A 139 -4.52 -6.93 -21.83
N ASP A 140 -5.62 -6.58 -22.52
CA ASP A 140 -6.19 -5.22 -22.49
C ASP A 140 -6.73 -4.88 -21.11
N SER A 141 -6.89 -3.60 -20.83
CA SER A 141 -7.35 -3.15 -19.52
C SER A 141 -8.81 -3.40 -19.21
N GLN A 142 -9.62 -3.82 -20.19
CA GLN A 142 -11.01 -4.19 -19.94
C GLN A 142 -11.12 -5.58 -19.31
N THR A 143 -10.07 -6.41 -19.40
CA THR A 143 -10.11 -7.72 -18.76
C THR A 143 -10.09 -7.58 -17.24
N ASN A 144 -10.99 -8.32 -16.59
CA ASN A 144 -11.07 -8.44 -15.12
C ASN A 144 -10.50 -9.81 -14.70
N VAL A 145 -9.67 -9.81 -13.68
CA VAL A 145 -9.11 -11.07 -13.16
C VAL A 145 -9.89 -11.45 -11.91
N SER A 146 -10.44 -12.65 -11.91
CA SER A 146 -11.20 -13.18 -10.78
C SER A 146 -10.33 -14.10 -9.89
N GLN A 147 -10.77 -14.27 -8.64
CA GLN A 147 -10.17 -15.28 -7.73
C GLN A 147 -10.49 -16.68 -8.21
N SER A 148 -9.67 -17.65 -7.78
CA SER A 148 -9.89 -19.05 -8.09
C SER A 148 -11.11 -19.59 -7.36
N LYS A 149 -11.79 -20.55 -7.98
N LYS A 149 -11.78 -20.57 -7.93
CA LYS A 149 -12.77 -21.43 -7.34
CA LYS A 149 -12.79 -21.36 -7.23
C LYS A 149 -12.10 -22.23 -6.19
C LYS A 149 -12.13 -22.35 -6.24
N ASP A 150 -10.80 -22.50 -6.32
CA ASP A 150 -10.10 -23.32 -5.34
CA ASP A 150 -10.01 -23.35 -5.37
C ASP A 150 -9.35 -22.50 -4.24
N SER A 151 -9.62 -22.85 -2.97
CA SER A 151 -9.04 -22.20 -1.78
C SER A 151 -7.50 -22.33 -1.66
N ASP A 152 -6.86 -23.29 -2.31
N ASP A 152 -6.92 -23.35 -2.31
CA ASP A 152 -5.40 -23.34 -2.26
CA ASP A 152 -5.47 -23.58 -2.34
C ASP A 152 -4.76 -23.03 -3.61
C ASP A 152 -4.77 -23.05 -3.61
N VAL A 153 -5.46 -22.24 -4.43
CA VAL A 153 -4.87 -21.57 -5.59
C VAL A 153 -4.99 -20.05 -5.33
N TYR A 154 -3.87 -19.38 -5.45
CA TYR A 154 -3.76 -17.95 -5.08
C TYR A 154 -3.61 -17.17 -6.36
N ILE A 155 -4.44 -16.17 -6.56
CA ILE A 155 -4.41 -15.33 -7.75
C ILE A 155 -4.42 -13.87 -7.31
N THR A 156 -3.44 -13.13 -7.82
N THR A 156 -3.41 -13.15 -7.76
CA THR A 156 -3.36 -11.69 -7.56
CA THR A 156 -3.30 -11.72 -7.40
C THR A 156 -4.18 -10.92 -8.51
C THR A 156 -3.82 -10.84 -8.55
N ASP A 157 -4.38 -9.67 -8.17
CA ASP A 157 -5.09 -8.80 -9.08
C ASP A 157 -4.17 -8.27 -10.14
N LYS A 158 -4.74 -7.81 -11.25
CA LYS A 158 -3.95 -7.21 -12.30
C LYS A 158 -3.15 -6.00 -11.78
N CYS A 159 -1.90 -5.97 -12.27
CA CYS A 159 -0.91 -5.03 -11.83
C CYS A 159 -0.27 -4.49 -13.14
N VAL A 160 -0.09 -3.19 -13.25
CA VAL A 160 0.50 -2.55 -14.43
C VAL A 160 1.97 -2.22 -14.22
N LEU A 161 2.83 -2.75 -15.11
CA LEU A 161 4.25 -2.38 -15.14
C LEU A 161 4.53 -1.53 -16.32
N ASP A 162 5.52 -0.66 -16.17
CA ASP A 162 5.90 0.29 -17.19
C ASP A 162 7.37 0.10 -17.48
N MET A 163 7.66 -0.38 -18.68
CA MET A 163 9.05 -0.44 -19.19
C MET A 163 9.36 0.85 -19.89
N ARG A 164 9.81 1.79 -19.07
CA ARG A 164 9.97 3.19 -19.42
C ARG A 164 10.76 3.39 -20.71
N SER A 165 11.93 2.78 -20.79
CA SER A 165 12.82 3.06 -21.91
C SER A 165 12.40 2.37 -23.21
N MET A 166 11.39 1.50 -23.19
CA MET A 166 10.72 1.01 -24.40
C MET A 166 9.32 1.61 -24.65
N ASP A 167 8.90 2.55 -23.80
CA ASP A 167 7.57 3.17 -23.86
C ASP A 167 6.46 2.11 -23.98
N PHE A 168 6.52 1.14 -23.08
CA PHE A 168 5.70 -0.03 -23.16
C PHE A 168 5.12 -0.29 -21.77
N LYS A 169 3.81 -0.43 -21.67
CA LYS A 169 3.14 -0.82 -20.43
C LYS A 169 2.45 -2.14 -20.62
N SER A 170 2.34 -2.93 -19.57
CA SER A 170 1.62 -4.18 -19.64
C SER A 170 0.95 -4.57 -18.34
N ASN A 171 -0.23 -5.16 -18.42
CA ASN A 171 -0.95 -5.77 -17.30
C ASN A 171 -0.47 -7.21 -17.07
N SER A 172 -0.47 -7.66 -15.80
CA SER A 172 -0.38 -9.07 -15.49
C SER A 172 -1.03 -9.44 -14.22
N ALA A 173 -1.36 -10.73 -14.10
CA ALA A 173 -1.82 -11.34 -12.84
C ALA A 173 -1.01 -12.60 -12.65
N VAL A 174 -0.70 -12.92 -11.38
CA VAL A 174 0.03 -14.15 -11.06
C VAL A 174 -0.92 -15.12 -10.37
N ALA A 175 -0.79 -16.41 -10.74
CA ALA A 175 -1.48 -17.48 -10.05
C ALA A 175 -0.46 -18.48 -9.57
N TRP A 176 -0.62 -19.00 -8.37
CA TRP A 176 0.31 -20.08 -7.91
C TRP A 176 -0.40 -21.05 -7.00
N SER A 177 0.21 -22.21 -6.84
CA SER A 177 -0.27 -23.24 -5.93
C SER A 177 0.85 -24.21 -5.72
N ASN A 178 0.74 -24.95 -4.62
CA ASN A 178 1.57 -26.17 -4.44
C ASN A 178 0.76 -27.43 -4.38
N LYS A 179 -0.50 -27.38 -4.82
CA LYS A 179 -1.20 -28.62 -4.99
C LYS A 179 -0.68 -29.30 -6.28
N SER A 180 -0.85 -30.62 -6.37
CA SER A 180 -0.37 -31.32 -7.58
C SER A 180 -1.37 -31.35 -8.72
N ASP A 181 -2.66 -31.23 -8.44
CA ASP A 181 -3.66 -31.24 -9.51
C ASP A 181 -3.91 -29.79 -9.85
N PHE A 182 -2.92 -29.19 -10.49
CA PHE A 182 -2.85 -27.79 -10.82
C PHE A 182 -2.12 -27.67 -12.16
N ALA A 183 -2.67 -26.87 -13.07
CA ALA A 183 -2.15 -26.67 -14.42
C ALA A 183 -2.35 -25.20 -14.74
N CYS A 184 -1.32 -24.58 -15.31
CA CYS A 184 -1.50 -23.21 -15.85
C CYS A 184 -2.60 -23.12 -16.91
N ALA A 185 -2.82 -24.20 -17.65
CA ALA A 185 -3.96 -24.26 -18.60
C ALA A 185 -5.30 -23.89 -17.96
N ASN A 186 -5.48 -24.25 -16.69
CA ASN A 186 -6.74 -24.08 -15.99
C ASN A 186 -6.70 -23.05 -14.87
N ALA A 187 -5.55 -22.46 -14.63
CA ALA A 187 -5.38 -21.60 -13.44
C ALA A 187 -6.36 -20.43 -13.43
N PHE A 188 -6.62 -19.83 -14.60
CA PHE A 188 -7.46 -18.66 -14.71
C PHE A 188 -8.87 -18.99 -15.21
N ASN A 189 -9.29 -20.22 -15.00
CA ASN A 189 -10.62 -20.68 -15.54
C ASN A 189 -11.83 -19.93 -14.96
N ASN A 190 -11.71 -19.27 -13.82
CA ASN A 190 -12.82 -18.50 -13.24
C ASN A 190 -12.83 -17.04 -13.68
N SER A 191 -11.89 -16.64 -14.55
CA SER A 191 -11.87 -15.31 -15.15
C SER A 191 -12.39 -15.39 -16.59
N ILE A 192 -13.03 -14.30 -17.03
CA ILE A 192 -13.41 -14.14 -18.44
C ILE A 192 -12.20 -13.57 -19.16
N ILE A 193 -11.49 -14.41 -19.91
CA ILE A 193 -10.26 -13.98 -20.56
C ILE A 193 -10.50 -13.93 -22.05
N PRO A 194 -9.65 -13.21 -22.79
CA PRO A 194 -9.91 -13.08 -24.23
C PRO A 194 -9.90 -14.44 -24.93
N GLU A 195 -10.75 -14.63 -25.94
CA GLU A 195 -10.78 -15.92 -26.63
C GLU A 195 -9.49 -16.23 -27.40
N ASP A 196 -8.76 -15.17 -27.79
CA ASP A 196 -7.48 -15.26 -28.52
C ASP A 196 -6.27 -15.40 -27.57
N THR A 197 -6.49 -15.66 -26.28
CA THR A 197 -5.35 -15.82 -25.35
C THR A 197 -4.41 -16.96 -25.83
N PHE A 198 -3.12 -16.67 -25.82
CA PHE A 198 -2.08 -17.64 -26.21
C PHE A 198 -1.76 -18.54 -25.03
N PHE A 199 -1.89 -19.85 -25.25
CA PHE A 199 -1.54 -20.88 -24.28
C PHE A 199 -0.42 -21.74 -24.87
N PRO A 200 0.86 -21.35 -24.67
CA PRO A 200 1.97 -22.14 -25.26
C PRO A 200 2.00 -23.56 -24.75
N SER A 201 2.45 -24.50 -25.55
CA SER A 201 2.56 -25.89 -25.08
C SER A 201 3.64 -25.98 -24.03
N PRO A 202 3.55 -27.00 -23.16
CA PRO A 202 4.45 -26.85 -22.04
C PRO A 202 5.68 -27.70 -22.29
N MET B 1 18.46 17.82 0.23
CA MET B 1 17.00 18.04 0.49
C MET B 1 16.69 18.14 1.98
N LYS B 2 15.58 18.82 2.29
CA LYS B 2 15.16 19.05 3.68
C LYS B 2 14.30 17.87 4.13
N ALA B 3 14.29 17.66 5.45
CA ALA B 3 13.50 16.57 5.99
C ALA B 3 11.99 16.88 5.93
N GLY B 4 11.21 15.87 5.56
CA GLY B 4 9.75 15.83 5.77
C GLY B 4 9.42 15.58 7.24
N VAL B 5 8.18 15.26 7.50
CA VAL B 5 7.75 14.84 8.85
C VAL B 5 8.38 13.49 9.10
N THR B 6 9.02 13.33 10.27
CA THR B 6 9.56 12.04 10.61
C THR B 6 8.80 11.38 11.74
N GLN B 7 8.74 10.05 11.71
CA GLN B 7 8.07 9.25 12.74
C GLN B 7 8.96 8.09 13.14
N THR B 8 8.98 7.77 14.42
CA THR B 8 9.78 6.66 14.95
CA THR B 8 9.73 6.64 14.95
C THR B 8 8.94 5.99 16.05
N PRO B 9 8.94 4.66 16.16
CA PRO B 9 9.51 3.71 15.18
C PRO B 9 8.63 3.57 13.95
N ARG B 10 9.05 2.77 13.01
CA ARG B 10 8.28 2.50 11.77
CA ARG B 10 8.23 2.54 11.80
C ARG B 10 7.22 1.40 11.96
N TYR B 11 7.61 0.33 12.67
CA TYR B 11 6.81 -0.87 12.80
C TYR B 11 6.88 -1.39 14.22
N LEU B 12 5.75 -1.85 14.73
CA LEU B 12 5.67 -2.41 16.08
C LEU B 12 4.75 -3.61 16.09
N ILE B 13 5.22 -4.67 16.73
N ILE B 13 5.19 -4.67 16.76
CA ILE B 13 4.36 -5.80 17.10
CA ILE B 13 4.39 -5.89 16.98
C ILE B 13 4.31 -5.85 18.61
C ILE B 13 4.31 -6.12 18.52
N LYS B 14 3.09 -5.98 19.09
CA LYS B 14 2.85 -6.02 20.55
C LYS B 14 1.82 -7.04 20.84
N THR B 15 1.79 -7.48 22.10
CA THR B 15 0.70 -8.33 22.59
C THR B 15 -0.30 -7.51 23.35
N ARG B 16 -1.48 -8.11 23.50
CA ARG B 16 -2.57 -7.46 24.19
C ARG B 16 -2.17 -7.04 25.61
N GLY B 17 -2.58 -5.84 26.03
CA GLY B 17 -2.26 -5.37 27.39
C GLY B 17 -1.00 -4.51 27.49
N GLN B 18 -0.10 -4.62 26.51
CA GLN B 18 1.12 -3.83 26.51
C GLN B 18 0.83 -2.38 26.19
N GLN B 19 1.89 -1.57 26.23
CA GLN B 19 1.78 -0.17 25.89
C GLN B 19 2.82 0.20 24.85
N VAL B 20 2.58 1.28 24.12
CA VAL B 20 3.56 1.81 23.17
C VAL B 20 3.62 3.32 23.25
N THR B 21 4.81 3.89 23.04
CA THR B 21 5.01 5.31 22.84
C THR B 21 5.59 5.55 21.47
N LEU B 22 4.97 6.46 20.74
CA LEU B 22 5.37 6.83 19.37
C LEU B 22 5.84 8.28 19.34
N SER B 23 6.80 8.60 18.49
CA SER B 23 7.32 9.98 18.34
C SER B 23 7.18 10.51 16.91
N CYS B 24 7.00 11.81 16.82
CA CYS B 24 6.88 12.51 15.54
C CYS B 24 7.67 13.81 15.63
N SER B 25 8.46 14.12 14.60
CA SER B 25 9.12 15.39 14.50
C SER B 25 8.54 16.13 13.32
N PRO B 26 8.01 17.32 13.57
CA PRO B 26 7.43 18.07 12.44
C PRO B 26 8.46 18.61 11.46
N ILE B 27 7.99 19.05 10.31
CA ILE B 27 8.84 19.82 9.41
C ILE B 27 9.34 21.07 10.14
N SER B 28 10.60 21.41 9.91
CA SER B 28 11.19 22.61 10.48
C SER B 28 10.37 23.83 10.10
N GLY B 29 9.91 24.54 11.12
CA GLY B 29 9.07 25.70 10.92
C GLY B 29 7.61 25.43 11.22
N HIS B 30 7.23 24.15 11.35
CA HIS B 30 5.87 23.79 11.69
C HIS B 30 5.75 23.56 13.17
N ARG B 31 4.74 24.18 13.78
CA ARG B 31 4.49 24.11 15.19
C ARG B 31 3.23 23.34 15.61
N SER B 32 2.29 23.13 14.68
CA SER B 32 1.08 22.33 14.96
C SER B 32 1.36 20.89 14.60
N VAL B 33 1.17 19.99 15.56
CA VAL B 33 1.36 18.54 15.32
C VAL B 33 0.11 17.78 15.71
N SER B 34 -0.40 16.99 14.77
CA SER B 34 -1.64 16.26 14.93
C SER B 34 -1.39 14.75 14.79
N TRP B 35 -2.17 13.97 15.49
CA TRP B 35 -2.12 12.50 15.39
C TRP B 35 -3.48 11.99 14.93
N TYR B 36 -3.43 10.97 14.06
CA TYR B 36 -4.58 10.26 13.51
C TYR B 36 -4.35 8.76 13.53
N GLN B 37 -5.43 8.02 13.71
CA GLN B 37 -5.44 6.54 13.64
C GLN B 37 -6.16 6.16 12.34
N GLN B 38 -5.47 5.34 11.51
CA GLN B 38 -6.07 4.82 10.30
C GLN B 38 -6.23 3.34 10.39
N THR B 39 -7.48 2.89 10.26
CA THR B 39 -7.80 1.45 10.26
C THR B 39 -8.64 1.18 9.02
N PRO B 40 -8.69 -0.10 8.56
CA PRO B 40 -9.61 -0.46 7.47
C PRO B 40 -11.10 -0.22 7.86
N GLY B 41 -11.45 -0.58 9.08
CA GLY B 41 -12.83 -0.48 9.56
C GLY B 41 -13.36 0.92 9.81
N GLN B 42 -12.59 1.78 10.51
CA GLN B 42 -13.06 3.17 10.85
C GLN B 42 -12.42 4.24 9.99
N GLY B 43 -11.52 3.89 9.08
CA GLY B 43 -10.82 4.91 8.26
C GLY B 43 -9.88 5.79 9.09
N LEU B 44 -9.96 7.08 8.88
N LEU B 44 -9.62 7.06 8.66
CA LEU B 44 -8.94 8.00 9.36
CA LEU B 44 -8.79 8.06 9.44
C LEU B 44 -9.57 8.89 10.47
C LEU B 44 -9.67 8.73 10.49
N GLN B 45 -9.17 8.65 11.74
CA GLN B 45 -9.84 9.24 12.93
C GLN B 45 -8.89 10.09 13.71
N PHE B 46 -9.33 11.32 14.01
CA PHE B 46 -8.50 12.29 14.74
C PHE B 46 -8.31 11.86 16.21
N LEU B 47 -7.05 11.94 16.65
CA LEU B 47 -6.70 11.73 18.09
C LEU B 47 -6.60 13.08 18.83
N PHE B 48 -5.68 13.92 18.42
CA PHE B 48 -5.40 15.20 19.11
C PHE B 48 -4.36 16.00 18.35
N GLU B 49 -4.36 17.30 18.63
CA GLU B 49 -3.42 18.27 18.06
C GLU B 49 -2.74 19.04 19.17
N TYR B 50 -1.43 19.28 19.02
CA TYR B 50 -0.59 20.07 19.95
C TYR B 50 0.00 21.30 19.27
N PHE B 51 0.13 22.39 20.04
CA PHE B 51 0.83 23.59 19.56
C PHE B 51 1.47 24.22 20.80
N SER B 52 2.74 24.60 20.68
N SER B 52 2.74 24.60 20.68
N SER B 52 2.75 24.60 20.70
CA SER B 52 3.50 25.24 21.76
CA SER B 52 3.52 25.23 21.76
CA SER B 52 3.48 25.26 21.77
C SER B 52 3.37 24.51 23.09
C SER B 52 3.36 24.51 23.09
C SER B 52 3.30 24.49 23.09
N GLU B 53 3.52 23.19 23.04
CA GLU B 53 3.53 22.32 24.23
C GLU B 53 2.20 22.01 24.88
N THR B 54 1.08 22.45 24.33
CA THR B 54 -0.22 22.15 24.95
C THR B 54 -1.22 21.59 23.91
N GLN B 55 -2.13 20.73 24.38
CA GLN B 55 -3.17 20.13 23.54
C GLN B 55 -4.17 21.19 23.17
N ARG B 56 -4.36 21.41 21.88
CA ARG B 56 -5.24 22.46 21.40
C ARG B 56 -6.62 21.91 21.06
N ASN B 57 -6.66 20.70 20.52
CA ASN B 57 -7.89 20.01 20.15
C ASN B 57 -7.71 18.50 20.38
N LYS B 58 -8.84 17.83 20.57
CA LYS B 58 -8.90 16.40 20.79
C LYS B 58 -10.11 15.78 20.14
N GLY B 59 -9.93 14.52 19.73
CA GLY B 59 -11.03 13.69 19.21
C GLY B 59 -11.77 12.98 20.30
N ASN B 60 -12.26 11.79 19.97
CA ASN B 60 -13.17 11.02 20.82
C ASN B 60 -12.62 9.71 21.35
N PHE B 61 -11.30 9.56 21.37
CA PHE B 61 -10.70 8.35 21.88
C PHE B 61 -10.72 8.34 23.40
N PRO B 62 -10.75 7.15 23.98
CA PRO B 62 -10.70 7.09 25.46
C PRO B 62 -9.34 7.43 25.99
N GLY B 63 -9.33 7.62 27.30
CA GLY B 63 -8.14 8.19 27.95
C GLY B 63 -6.86 7.38 27.90
N ARG B 64 -6.92 6.11 27.59
CA ARG B 64 -5.75 5.32 27.38
C ARG B 64 -4.94 5.71 26.14
N PHE B 65 -5.51 6.56 25.28
CA PHE B 65 -4.77 7.24 24.20
C PHE B 65 -4.42 8.64 24.69
N SER B 66 -3.11 8.88 24.77
CA SER B 66 -2.62 10.16 25.31
C SER B 66 -1.55 10.75 24.46
N GLY B 67 -1.34 12.04 24.59
CA GLY B 67 -0.28 12.76 23.82
C GLY B 67 0.42 13.85 24.59
N ARG B 68 1.45 14.41 23.97
N ARG B 68 1.54 14.31 24.03
CA ARG B 68 2.26 15.47 24.56
CA ARG B 68 2.30 15.45 24.60
C ARG B 68 3.14 16.11 23.50
C ARG B 68 3.16 16.10 23.51
N GLN B 69 3.64 17.33 23.77
CA GLN B 69 4.55 18.03 22.83
C GLN B 69 5.66 18.72 23.62
N PHE B 70 6.90 18.57 23.16
CA PHE B 70 8.10 19.18 23.79
C PHE B 70 8.36 20.60 23.23
N SER B 71 9.32 21.32 23.81
CA SER B 71 9.52 22.73 23.44
C SER B 71 10.03 22.92 22.02
N ASN B 72 10.69 21.89 21.46
CA ASN B 72 11.16 21.91 20.06
C ASN B 72 10.11 21.40 19.06
N SER B 73 8.88 21.26 19.56
CA SER B 73 7.68 20.86 18.78
C SER B 73 7.56 19.36 18.52
N ARG B 74 8.60 18.59 18.85
CA ARG B 74 8.46 17.11 18.79
C ARG B 74 7.25 16.68 19.60
N SER B 75 6.53 15.67 19.13
CA SER B 75 5.32 15.20 19.85
C SER B 75 5.39 13.70 20.08
N GLU B 76 4.86 13.23 21.23
CA GLU B 76 4.69 11.78 21.48
C GLU B 76 3.25 11.48 21.66
N MET B 77 2.87 10.26 21.27
CA MET B 77 1.59 9.70 21.71
C MET B 77 1.85 8.36 22.40
N ASN B 78 0.94 8.01 23.29
CA ASN B 78 1.02 6.72 24.05
C ASN B 78 -0.32 6.05 23.99
N VAL B 79 -0.29 4.72 23.82
CA VAL B 79 -1.49 3.86 23.92
C VAL B 79 -1.22 2.80 24.95
N SER B 80 -2.02 2.80 26.01
CA SER B 80 -1.92 1.77 27.05
CA SER B 80 -1.93 1.80 27.06
C SER B 80 -3.02 0.74 26.93
N THR B 81 -2.78 -0.41 27.56
CA THR B 81 -3.74 -1.52 27.59
C THR B 81 -4.21 -1.96 26.18
N LEU B 82 -3.22 -2.25 25.35
CA LEU B 82 -3.47 -2.45 23.93
C LEU B 82 -4.44 -3.60 23.65
N GLU B 83 -5.36 -3.38 22.72
N GLU B 83 -5.28 -3.34 22.65
N GLU B 83 -5.30 -3.37 22.67
CA GLU B 83 -6.27 -4.43 22.25
CA GLU B 83 -6.36 -4.21 22.18
CA GLU B 83 -6.27 -4.37 22.23
C GLU B 83 -6.04 -4.70 20.76
C GLU B 83 -6.07 -4.65 20.72
C GLU B 83 -6.17 -4.62 20.72
N LEU B 84 -6.59 -5.81 20.29
CA LEU B 84 -6.47 -6.22 18.86
C LEU B 84 -6.94 -5.16 17.90
N GLY B 85 -8.02 -4.48 18.23
CA GLY B 85 -8.57 -3.42 17.42
C GLY B 85 -7.76 -2.11 17.34
N ASP B 86 -6.70 -2.01 18.13
CA ASP B 86 -5.79 -0.88 18.07
C ASP B 86 -4.75 -1.04 16.96
N SER B 87 -4.70 -2.22 16.34
CA SER B 87 -3.85 -2.39 15.13
C SER B 87 -4.27 -1.35 14.08
N ALA B 88 -3.30 -0.60 13.62
CA ALA B 88 -3.58 0.61 12.79
C ALA B 88 -2.27 1.20 12.30
N LEU B 89 -2.42 2.12 11.35
CA LEU B 89 -1.36 3.05 10.97
C LEU B 89 -1.60 4.32 11.79
N TYR B 90 -0.62 4.70 12.61
CA TYR B 90 -0.71 5.89 13.44
C TYR B 90 0.06 6.99 12.73
N LEU B 91 -0.68 7.97 12.21
CA LEU B 91 -0.13 9.02 11.35
C LEU B 91 0.04 10.30 12.12
N CYS B 92 1.17 10.96 11.87
N CYS B 92 1.17 10.98 11.94
CA CYS B 92 1.45 12.29 12.38
CA CYS B 92 1.25 12.33 12.46
C CYS B 92 1.27 13.28 11.23
C CYS B 92 1.34 13.30 11.29
N ALA B 93 0.74 14.47 11.49
CA ALA B 93 0.73 15.53 10.48
C ALA B 93 1.20 16.80 11.10
N SER B 94 2.08 17.53 10.42
CA SER B 94 2.47 18.86 10.86
C SER B 94 1.90 19.91 9.98
N SER B 95 1.76 21.09 10.57
CA SER B 95 1.27 22.27 9.83
C SER B 95 1.85 23.52 10.43
N PHE B 96 1.98 24.55 9.62
CA PHE B 96 2.33 25.85 10.14
C PHE B 96 1.23 26.34 11.08
N ASP B 97 -0.03 26.02 10.74
CA ASP B 97 -1.27 26.51 11.40
C ASP B 97 -2.41 25.64 10.77
N SER B 98 -2.97 24.73 11.56
CA SER B 98 -4.00 23.79 11.03
C SER B 98 -5.31 24.46 10.59
N GLY B 99 -5.57 25.67 11.09
CA GLY B 99 -6.76 26.45 10.73
C GLY B 99 -6.73 26.95 9.31
N ASN B 100 -5.54 27.19 8.73
CA ASN B 100 -5.45 27.81 7.41
C ASN B 100 -4.31 27.39 6.51
N SER B 101 -3.48 26.41 6.91
CA SER B 101 -2.33 25.96 6.18
C SER B 101 -2.41 24.43 6.04
N PRO B 102 -1.82 23.88 4.98
CA PRO B 102 -1.98 22.46 4.72
C PRO B 102 -1.41 21.53 5.76
N LEU B 103 -2.07 20.42 6.01
CA LEU B 103 -1.48 19.35 6.76
C LEU B 103 -0.44 18.60 5.95
N HIS B 104 0.75 18.37 6.54
CA HIS B 104 1.81 17.57 5.93
C HIS B 104 1.98 16.30 6.74
N PHE B 105 1.71 15.14 6.15
CA PHE B 105 1.77 13.88 6.92
C PHE B 105 3.15 13.19 6.87
N GLY B 106 3.48 12.49 7.95
CA GLY B 106 4.53 11.46 7.97
C GLY B 106 4.00 10.18 7.30
N ASN B 107 4.87 9.16 7.27
CA ASN B 107 4.44 7.90 6.72
C ASN B 107 3.89 6.94 7.75
N GLY B 108 3.82 7.35 9.02
CA GLY B 108 3.14 6.57 10.02
C GLY B 108 3.99 5.56 10.76
N THR B 109 3.48 5.14 11.89
CA THR B 109 3.96 3.97 12.60
C THR B 109 2.88 2.90 12.42
N ARG B 110 3.28 1.75 11.85
CA ARG B 110 2.38 0.60 11.71
C ARG B 110 2.42 -0.28 12.95
N LEU B 111 1.31 -0.37 13.64
CA LEU B 111 1.19 -1.17 14.85
C LEU B 111 0.32 -2.35 14.58
N THR B 112 0.79 -3.56 14.93
CA THR B 112 -0.04 -4.75 14.96
C THR B 112 -0.03 -5.29 16.40
N VAL B 113 -1.23 -5.44 16.95
CA VAL B 113 -1.45 -6.07 18.27
C VAL B 113 -1.94 -7.49 18.01
N THR B 114 -1.29 -8.49 18.59
CA THR B 114 -1.63 -9.91 18.36
C THR B 114 -1.86 -10.59 19.69
N GLU B 115 -2.61 -11.70 19.70
CA GLU B 115 -2.78 -12.49 20.94
C GLU B 115 -1.52 -13.12 21.43
N ASP B 116 -0.67 -13.55 20.53
N ASP B 116 -0.64 -13.46 20.50
CA ASP B 116 0.48 -14.30 20.96
CA ASP B 116 0.37 -14.47 20.75
C ASP B 116 1.53 -14.16 19.91
C ASP B 116 1.55 -14.20 19.83
N LEU B 117 2.76 -13.95 20.36
CA LEU B 117 3.93 -13.79 19.50
C LEU B 117 4.27 -15.03 18.64
N ASN B 118 3.76 -16.21 19.07
CA ASN B 118 3.86 -17.44 18.26
CA ASN B 118 3.94 -17.39 18.21
C ASN B 118 3.10 -17.37 16.93
N LYS B 119 2.27 -16.32 16.73
CA LYS B 119 1.58 -16.02 15.45
C LYS B 119 2.52 -15.33 14.47
N VAL B 120 3.72 -14.89 14.88
CA VAL B 120 4.60 -14.05 14.05
C VAL B 120 5.55 -14.95 13.24
N PHE B 121 5.56 -14.76 11.91
CA PHE B 121 6.43 -15.52 10.98
C PHE B 121 7.03 -14.62 9.95
N PRO B 122 8.33 -14.79 9.63
CA PRO B 122 8.91 -14.07 8.52
C PRO B 122 8.44 -14.68 7.18
N PRO B 123 8.59 -13.91 6.10
CA PRO B 123 8.27 -14.44 4.75
C PRO B 123 9.26 -15.53 4.30
N GLU B 124 8.81 -16.49 3.50
CA GLU B 124 9.66 -17.21 2.63
C GLU B 124 9.63 -16.53 1.26
N VAL B 125 10.77 -16.39 0.62
CA VAL B 125 10.90 -15.59 -0.61
C VAL B 125 11.53 -16.42 -1.70
N ALA B 126 10.95 -16.40 -2.89
CA ALA B 126 11.49 -17.12 -4.03
C ALA B 126 11.33 -16.30 -5.31
N VAL B 127 12.29 -16.47 -6.21
CA VAL B 127 12.23 -15.92 -7.57
C VAL B 127 12.04 -17.05 -8.54
N PHE B 128 11.15 -16.78 -9.49
CA PHE B 128 10.83 -17.73 -10.56
C PHE B 128 11.30 -17.16 -11.85
N GLU B 129 12.09 -17.92 -12.58
CA GLU B 129 12.72 -17.39 -13.79
C GLU B 129 11.78 -17.42 -14.98
N PRO B 130 12.05 -16.63 -16.01
CA PRO B 130 11.06 -16.43 -17.09
C PRO B 130 10.71 -17.64 -17.91
N SER B 131 9.52 -17.63 -18.48
CA SER B 131 9.11 -18.58 -19.48
C SER B 131 9.88 -18.46 -20.79
N GLU B 132 10.35 -19.59 -21.33
CA GLU B 132 10.96 -19.61 -22.65
C GLU B 132 9.95 -19.14 -23.72
N ALA B 133 8.67 -19.51 -23.55
CA ALA B 133 7.66 -19.11 -24.52
C ALA B 133 7.42 -17.60 -24.51
N GLU B 134 7.39 -16.99 -23.33
CA GLU B 134 7.32 -15.50 -23.30
C GLU B 134 8.49 -14.87 -24.05
N ILE B 135 9.69 -15.35 -23.82
CA ILE B 135 10.87 -14.82 -24.50
C ILE B 135 10.78 -14.98 -26.02
N SER B 136 10.39 -16.14 -26.51
CA SER B 136 10.29 -16.31 -27.96
CA SER B 136 10.24 -16.36 -27.95
C SER B 136 9.15 -15.49 -28.56
N HIS B 137 8.02 -15.37 -27.84
CA HIS B 137 6.85 -14.69 -28.38
C HIS B 137 6.94 -13.18 -28.32
N THR B 138 7.54 -12.62 -27.27
CA THR B 138 7.51 -11.16 -26.99
C THR B 138 8.82 -10.49 -26.98
N GLN B 139 9.92 -11.25 -26.95
CA GLN B 139 11.26 -10.72 -26.75
C GLN B 139 11.37 -9.90 -25.47
N LYS B 140 10.56 -10.31 -24.48
CA LYS B 140 10.61 -9.77 -23.12
C LYS B 140 10.61 -10.94 -22.17
N ALA B 141 11.00 -10.67 -20.92
CA ALA B 141 11.20 -11.75 -19.92
C ALA B 141 10.72 -11.22 -18.57
N THR B 142 9.70 -11.88 -18.01
CA THR B 142 9.14 -11.50 -16.71
C THR B 142 9.61 -12.48 -15.63
N LEU B 143 10.31 -11.91 -14.64
CA LEU B 143 10.63 -12.65 -13.39
C LEU B 143 9.53 -12.41 -12.37
N VAL B 144 9.16 -13.42 -11.58
CA VAL B 144 8.18 -13.24 -10.49
C VAL B 144 8.88 -13.48 -9.17
N CYS B 145 8.56 -12.65 -8.17
CA CYS B 145 9.02 -12.86 -6.80
C CYS B 145 7.79 -13.11 -5.97
N LEU B 146 7.79 -14.18 -5.18
CA LEU B 146 6.74 -14.43 -4.21
C LEU B 146 7.28 -14.33 -2.80
N ALA B 147 6.57 -13.65 -1.91
CA ALA B 147 6.88 -13.60 -0.47
C ALA B 147 5.67 -14.18 0.22
N THR B 148 5.80 -15.30 0.93
CA THR B 148 4.66 -16.03 1.44
C THR B 148 4.80 -16.41 2.92
N GLY B 149 3.64 -16.63 3.56
CA GLY B 149 3.60 -17.13 4.93
C GLY B 149 3.98 -16.16 6.05
N PHE B 150 3.95 -14.85 5.77
CA PHE B 150 4.37 -13.84 6.78
C PHE B 150 3.22 -13.31 7.62
N PHE B 151 3.56 -12.98 8.85
CA PHE B 151 2.61 -12.28 9.75
C PHE B 151 3.47 -11.57 10.78
N PRO B 152 3.20 -10.29 11.13
CA PRO B 152 2.19 -9.42 10.54
C PRO B 152 2.56 -8.94 9.11
N ASP B 153 1.69 -8.15 8.50
CA ASP B 153 1.96 -7.53 7.19
C ASP B 153 2.85 -6.29 7.39
N HIS B 154 4.10 -6.55 7.73
CA HIS B 154 5.14 -5.50 7.96
C HIS B 154 6.32 -5.81 7.08
N VAL B 155 6.13 -5.69 5.78
CA VAL B 155 7.10 -6.06 4.78
C VAL B 155 7.31 -4.94 3.78
N GLU B 156 8.51 -4.88 3.23
CA GLU B 156 8.87 -4.02 2.11
C GLU B 156 9.63 -4.84 1.08
N LEU B 157 9.05 -4.98 -0.11
CA LEU B 157 9.68 -5.78 -1.18
C LEU B 157 10.31 -4.82 -2.19
N SER B 158 11.56 -5.14 -2.62
CA SER B 158 12.23 -4.34 -3.64
C SER B 158 13.06 -5.24 -4.58
N TRP B 159 13.29 -4.75 -5.80
CA TRP B 159 14.11 -5.44 -6.80
C TRP B 159 15.40 -4.67 -6.96
N TRP B 160 16.49 -5.43 -7.20
CA TRP B 160 17.81 -4.88 -7.40
C TRP B 160 18.43 -5.59 -8.59
N VAL B 161 18.95 -4.86 -9.54
CA VAL B 161 19.53 -5.42 -10.73
C VAL B 161 20.99 -4.90 -10.73
N ASN B 162 21.96 -5.83 -10.68
CA ASN B 162 23.40 -5.52 -10.62
C ASN B 162 23.71 -4.52 -9.51
N GLY B 163 23.01 -4.67 -8.39
CA GLY B 163 23.22 -3.85 -7.24
C GLY B 163 22.45 -2.52 -7.16
N LYS B 164 21.68 -2.20 -8.20
CA LYS B 164 20.93 -0.92 -8.25
C LYS B 164 19.45 -1.21 -8.09
N GLU B 165 18.77 -0.46 -7.24
CA GLU B 165 17.32 -0.60 -7.05
C GLU B 165 16.63 -0.19 -8.30
N VAL B 166 15.69 -1.01 -8.74
CA VAL B 166 14.94 -0.67 -9.95
C VAL B 166 13.44 -0.46 -9.69
N HIS B 167 12.87 0.46 -10.48
CA HIS B 167 11.42 0.70 -10.44
C HIS B 167 10.85 0.50 -11.82
N SER B 168 11.60 0.79 -12.87
CA SER B 168 11.15 0.53 -14.26
C SER B 168 10.94 -0.97 -14.43
N GLY B 169 9.82 -1.34 -15.03
CA GLY B 169 9.50 -2.70 -15.35
C GLY B 169 9.01 -3.50 -14.16
N VAL B 170 8.75 -2.84 -13.01
CA VAL B 170 8.27 -3.52 -11.79
C VAL B 170 6.80 -3.24 -11.52
N CYS B 171 6.12 -4.28 -11.00
N CYS B 171 6.10 -4.25 -11.03
CA CYS B 171 4.81 -4.07 -10.39
CA CYS B 171 4.92 -3.92 -10.24
C CYS B 171 4.63 -5.03 -9.19
C CYS B 171 4.69 -4.98 -9.18
N THR B 172 4.42 -4.46 -8.00
CA THR B 172 4.23 -5.23 -6.78
C THR B 172 2.79 -5.01 -6.36
N ASP B 173 2.13 -6.06 -5.92
CA ASP B 173 0.75 -5.96 -5.50
C ASP B 173 0.62 -4.84 -4.43
N PRO B 174 -0.45 -4.07 -4.47
CA PRO B 174 -0.60 -2.97 -3.51
C PRO B 174 -0.96 -3.44 -2.18
N GLN B 175 -1.60 -4.62 -2.08
CA GLN B 175 -1.96 -5.25 -0.80
C GLN B 175 -1.62 -6.75 -0.89
N PRO B 176 -1.36 -7.38 0.25
CA PRO B 176 -1.13 -8.81 0.25
C PRO B 176 -2.42 -9.60 0.18
N LEU B 177 -2.31 -10.88 -0.12
CA LEU B 177 -3.47 -11.74 0.00
C LEU B 177 -3.41 -12.54 1.30
N LYS B 178 -4.57 -12.77 1.91
CA LYS B 178 -4.63 -13.58 3.12
C LYS B 178 -4.60 -15.01 2.68
N GLU B 179 -3.72 -15.79 3.27
CA GLU B 179 -3.63 -17.21 2.88
C GLU B 179 -4.84 -18.03 3.32
N GLN B 180 -5.44 -17.63 4.44
CA GLN B 180 -6.64 -18.21 5.03
C GLN B 180 -7.61 -17.05 5.35
N PRO B 181 -8.36 -16.57 4.34
CA PRO B 181 -9.15 -15.31 4.46
C PRO B 181 -10.11 -15.19 5.68
N ALA B 182 -10.59 -16.33 6.19
CA ALA B 182 -11.52 -16.32 7.32
C ALA B 182 -10.93 -15.91 8.66
N LEU B 183 -9.61 -15.99 8.84
CA LEU B 183 -8.98 -15.87 10.18
C LEU B 183 -8.34 -14.50 10.42
N ASN B 184 -8.49 -13.98 11.62
CA ASN B 184 -7.97 -12.64 11.97
C ASN B 184 -6.45 -12.53 11.98
N ASP B 185 -5.80 -13.67 12.25
CA ASP B 185 -4.34 -13.79 12.40
C ASP B 185 -3.70 -14.56 11.23
N SER B 186 -4.45 -14.69 10.12
CA SER B 186 -3.98 -15.37 8.88
C SER B 186 -2.65 -14.81 8.49
N ARG B 187 -1.83 -15.68 7.95
CA ARG B 187 -0.59 -15.25 7.32
C ARG B 187 -0.89 -14.71 5.94
N TYR B 188 0.09 -14.02 5.38
CA TYR B 188 -0.07 -13.23 4.14
C TYR B 188 0.89 -13.72 3.08
N SER B 189 0.52 -13.46 1.82
CA SER B 189 1.36 -13.61 0.64
C SER B 189 1.35 -12.36 -0.23
N LEU B 190 2.44 -12.13 -0.92
CA LEU B 190 2.64 -10.93 -1.76
C LEU B 190 3.38 -11.36 -3.01
N SER B 191 2.96 -10.84 -4.17
CA SER B 191 3.67 -11.08 -5.42
C SER B 191 4.19 -9.79 -6.07
N SER B 192 5.26 -9.93 -6.83
CA SER B 192 5.83 -8.85 -7.61
C SER B 192 6.43 -9.36 -8.91
N ARG B 193 6.50 -8.51 -9.90
CA ARG B 193 7.03 -8.86 -11.23
C ARG B 193 8.09 -7.84 -11.57
N LEU B 194 9.09 -8.32 -12.30
CA LEU B 194 10.14 -7.49 -12.90
C LEU B 194 10.25 -7.95 -14.35
N ARG B 195 10.01 -7.05 -15.30
CA ARG B 195 10.09 -7.43 -16.75
C ARG B 195 11.26 -6.66 -17.40
N VAL B 196 12.08 -7.43 -18.11
CA VAL B 196 13.26 -6.88 -18.82
C VAL B 196 13.20 -7.36 -20.27
N SER B 197 14.00 -6.76 -21.15
CA SER B 197 14.14 -7.30 -22.48
C SER B 197 14.74 -8.69 -22.51
N ALA B 198 14.42 -9.43 -23.54
CA ALA B 198 15.07 -10.74 -23.74
C ALA B 198 16.61 -10.63 -23.81
N THR B 199 17.10 -9.60 -24.50
CA THR B 199 18.55 -9.37 -24.63
C THR B 199 19.16 -9.19 -23.25
N PHE B 200 18.51 -8.45 -22.36
CA PHE B 200 19.08 -8.24 -21.03
C PHE B 200 19.06 -9.53 -20.19
N TRP B 201 17.95 -10.27 -20.25
CA TRP B 201 17.88 -11.56 -19.56
C TRP B 201 18.91 -12.56 -20.06
N GLN B 202 19.23 -12.51 -21.34
CA GLN B 202 20.14 -13.47 -21.97
C GLN B 202 21.62 -13.24 -21.65
N ASN B 203 21.97 -12.16 -20.94
CA ASN B 203 23.36 -11.92 -20.56
C ASN B 203 23.58 -12.53 -19.19
N PRO B 204 24.44 -13.57 -19.11
CA PRO B 204 24.65 -14.26 -17.85
C PRO B 204 25.37 -13.48 -16.80
N ARG B 205 25.91 -12.33 -17.15
CA ARG B 205 26.46 -11.46 -16.14
C ARG B 205 25.43 -10.61 -15.44
N ASN B 206 24.20 -10.57 -15.91
CA ASN B 206 23.20 -9.74 -15.23
C ASN B 206 22.64 -10.53 -14.03
N HIS B 207 22.57 -9.84 -12.89
CA HIS B 207 22.19 -10.40 -11.58
C HIS B 207 20.93 -9.72 -11.08
N PHE B 208 19.95 -10.50 -10.67
CA PHE B 208 18.61 -10.03 -10.24
C PHE B 208 18.39 -10.48 -8.80
N ARG B 209 17.97 -9.56 -7.92
N ARG B 209 17.87 -9.59 -7.97
N ARG B 209 17.87 -9.59 -7.98
CA ARG B 209 17.72 -9.88 -6.48
CA ARG B 209 17.66 -9.88 -6.55
CA ARG B 209 17.61 -9.94 -6.59
C ARG B 209 16.33 -9.31 -6.12
C ARG B 209 16.34 -9.30 -6.06
C ARG B 209 16.29 -9.34 -6.19
N CYS B 210 15.48 -10.16 -5.54
CA CYS B 210 14.23 -9.70 -4.89
C CYS B 210 14.52 -9.76 -3.37
N GLN B 211 14.35 -8.62 -2.71
CA GLN B 211 14.65 -8.38 -1.28
CA GLN B 211 14.45 -8.74 -1.25
C GLN B 211 13.30 -8.19 -0.53
N VAL B 212 13.07 -8.82 0.60
CA VAL B 212 11.92 -8.48 1.43
C VAL B 212 12.46 -8.18 2.83
N GLN B 213 12.30 -6.93 3.23
CA GLN B 213 12.55 -6.56 4.61
C GLN B 213 11.33 -6.89 5.45
N PHE B 214 11.48 -7.60 6.54
CA PHE B 214 10.39 -7.98 7.45
C PHE B 214 10.70 -7.41 8.80
N TYR B 215 9.73 -6.71 9.37
CA TYR B 215 9.91 -6.06 10.66
C TYR B 215 9.18 -6.88 11.69
N GLY B 216 9.93 -7.48 12.62
CA GLY B 216 9.38 -8.45 13.53
C GLY B 216 9.68 -8.15 14.98
N LEU B 217 10.03 -9.16 15.74
CA LEU B 217 10.18 -9.04 17.18
C LEU B 217 11.44 -8.30 17.54
N SER B 218 11.36 -7.64 18.69
CA SER B 218 12.47 -6.99 19.38
C SER B 218 13.37 -7.98 20.09
N GLU B 219 14.61 -7.58 20.32
CA GLU B 219 15.51 -8.34 21.17
C GLU B 219 14.93 -8.46 22.58
N ASN B 220 14.06 -7.54 22.99
CA ASN B 220 13.44 -7.58 24.34
C ASN B 220 12.20 -8.46 24.45
N ASP B 221 11.69 -8.97 23.32
CA ASP B 221 10.58 -9.95 23.34
C ASP B 221 11.12 -11.33 23.71
N GLU B 222 10.46 -11.99 24.65
N GLU B 222 10.56 -11.99 24.71
CA GLU B 222 10.78 -13.37 25.01
CA GLU B 222 11.09 -13.32 25.04
C GLU B 222 10.46 -14.29 23.85
C GLU B 222 10.47 -14.33 24.07
N TRP B 223 11.25 -15.35 23.69
CA TRP B 223 10.94 -16.37 22.68
C TRP B 223 11.31 -17.75 23.21
N THR B 224 10.34 -18.64 23.25
CA THR B 224 10.58 -20.00 23.82
C THR B 224 10.13 -21.12 22.90
N GLN B 225 9.84 -20.81 21.66
CA GLN B 225 9.50 -21.79 20.62
C GLN B 225 10.78 -22.40 20.03
N ASP B 226 10.68 -23.62 19.48
CA ASP B 226 11.84 -24.26 18.81
C ASP B 226 12.28 -23.57 17.52
N ARG B 227 11.34 -23.05 16.75
CA ARG B 227 11.70 -22.39 15.51
C ARG B 227 12.45 -21.09 15.80
N ALA B 228 13.19 -20.66 14.82
CA ALA B 228 14.00 -19.43 14.93
C ALA B 228 13.14 -18.22 15.33
N LYS B 229 13.64 -17.42 16.25
CA LYS B 229 12.94 -16.18 16.66
C LYS B 229 12.69 -15.28 15.46
N PRO B 230 11.44 -14.84 15.22
CA PRO B 230 11.10 -14.04 14.03
C PRO B 230 11.43 -12.55 14.24
N VAL B 231 12.72 -12.27 14.32
CA VAL B 231 13.28 -10.95 14.47
C VAL B 231 13.16 -10.17 13.15
N THR B 232 13.38 -8.87 13.21
CA THR B 232 13.54 -8.07 12.03
C THR B 232 14.70 -8.64 11.17
N GLN B 233 14.47 -8.73 9.87
CA GLN B 233 15.40 -9.42 9.00
C GLN B 233 15.11 -9.16 7.57
N ILE B 234 16.04 -9.48 6.68
CA ILE B 234 15.83 -9.49 5.22
C ILE B 234 15.83 -10.93 4.77
N VAL B 235 14.85 -11.27 3.93
CA VAL B 235 14.78 -12.56 3.25
C VAL B 235 14.83 -12.25 1.78
N SER B 236 15.71 -12.90 1.04
CA SER B 236 16.01 -12.57 -0.34
CA SER B 236 15.95 -12.59 -0.34
C SER B 236 16.08 -13.84 -1.24
N ALA B 237 15.93 -13.59 -2.53
CA ALA B 237 16.14 -14.63 -3.54
C ALA B 237 16.72 -13.98 -4.76
N GLU B 238 17.46 -14.74 -5.52
CA GLU B 238 18.20 -14.19 -6.69
C GLU B 238 18.20 -15.09 -7.89
N ALA B 239 18.55 -14.48 -9.01
CA ALA B 239 18.78 -15.20 -10.27
C ALA B 239 19.83 -14.50 -11.09
N TRP B 240 20.40 -15.24 -12.04
CA TRP B 240 21.32 -14.68 -13.03
CA TRP B 240 21.30 -14.69 -13.05
C TRP B 240 20.72 -14.91 -14.42
N GLY B 241 21.02 -14.04 -15.36
CA GLY B 241 20.61 -14.22 -16.74
C GLY B 241 21.19 -15.50 -17.33
N ARG B 242 20.67 -15.89 -18.48
CA ARG B 242 21.01 -17.23 -19.05
C ARG B 242 20.96 -17.10 -20.57
N ALA B 243 22.01 -17.54 -21.27
CA ALA B 243 22.08 -17.41 -22.72
C ALA B 243 21.01 -18.25 -23.44
N ASP B 244 20.69 -19.40 -22.86
CA ASP B 244 19.64 -20.28 -23.42
C ASP B 244 18.79 -20.90 -22.30
C1 EDO C . -25.04 17.16 2.42
O1 EDO C . -25.08 15.96 1.63
C2 EDO C . -25.15 18.36 1.49
O2 EDO C . -26.41 18.33 0.77
C1 EDO D . -19.50 21.55 -5.38
O1 EDO D . -20.83 21.83 -5.88
C2 EDO D . -18.96 22.77 -4.64
O2 EDO D . -19.00 23.95 -5.44
C1 EDO E . 0.68 10.15 -2.42
O1 EDO E . -0.58 9.59 -2.86
C2 EDO E . 0.89 10.02 -0.91
O2 EDO E . 0.94 8.69 -0.43
C1 EDO F . -21.38 13.67 -1.86
O1 EDO F . -22.13 14.62 -2.63
C2 EDO F . -22.33 12.62 -1.29
O2 EDO F . -23.23 13.09 -0.24
C1 EDO G . -5.88 19.53 -18.47
O1 EDO G . -5.04 19.15 -19.55
C2 EDO G . -6.32 20.98 -18.51
O2 EDO G . -6.66 21.37 -17.16
C1 EDO H . -7.17 3.11 -20.96
O1 EDO H . -7.76 1.90 -20.45
C2 EDO H . -7.58 3.63 -22.35
O2 EDO H . -7.30 5.08 -22.50
C1 EDO I . -9.02 -10.87 -7.85
O1 EDO I . -8.58 -9.57 -8.20
C2 EDO I . -7.79 -11.74 -7.64
O2 EDO I . -7.13 -11.33 -6.43
C1 EDO J . 1.95 -27.47 -12.99
O1 EDO J . 3.29 -27.74 -13.41
C2 EDO J . 1.50 -26.10 -13.51
O2 EDO J . 1.17 -26.12 -14.91
C1 EDO K . -16.66 29.79 8.87
O1 EDO K . -17.41 28.73 8.26
C2 EDO K . -16.30 29.42 10.30
O2 EDO K . -17.31 28.56 10.85
C1 GOL L . -0.20 -22.37 -20.66
O1 GOL L . 1.07 -21.89 -20.19
C2 GOL L . -0.18 -23.89 -20.57
O2 GOL L . 1.12 -24.34 -20.99
C3 GOL L . -1.30 -24.57 -21.37
O3 GOL L . -0.79 -25.33 -22.49
C1 EDO M . 4.94 2.17 8.40
O1 EDO M . 4.47 1.58 7.15
C2 EDO M . 6.31 2.79 8.25
O2 EDO M . 6.11 4.09 7.66
C1 EDO N . 19.76 -3.62 2.37
O1 EDO N . 20.70 -4.32 1.49
C2 EDO N . 18.78 -2.64 1.70
O2 EDO N . 18.89 -2.51 0.26
C1 EDO O . 21.87 -14.24 -27.15
O1 EDO O . 21.92 -15.40 -26.30
C2 EDO O . 22.19 -12.98 -26.35
O2 EDO O . 21.14 -12.03 -26.49
C1 EDO P . 14.16 -0.72 -0.42
O1 EDO P . 15.04 0.36 -0.74
C2 EDO P . 13.56 -0.49 0.96
O2 EDO P . 12.68 -1.57 1.30
C1 EDO Q . 7.06 -4.79 13.96
O1 EDO Q . 6.62 -5.72 13.04
C2 EDO Q . 8.50 -4.52 13.87
O2 EDO Q . 9.00 -4.62 15.15
C1 EDO R . 7.49 26.02 22.62
O1 EDO R . 7.30 25.42 21.32
C2 EDO R . 8.83 26.76 22.69
O2 EDO R . 8.78 27.79 23.69
C1 EDO S . 13.71 16.34 22.24
O1 EDO S . 12.42 16.86 21.88
C2 EDO S . 13.92 16.55 23.74
O2 EDO S . 13.24 15.53 24.48
C1 GOL T . 15.47 -18.17 -6.27
O1 GOL T . 14.36 -18.58 -5.44
C2 GOL T . 16.87 -18.61 -5.81
O2 GOL T . 16.90 -20.04 -5.80
C3 GOL T . 17.19 -18.09 -4.40
O3 GOL T . 18.40 -17.33 -4.32
C1 GOL U . -11.45 7.38 6.06
O1 GOL U . -10.37 8.32 5.88
C2 GOL U . -12.67 7.83 6.96
O2 GOL U . -12.32 8.48 8.17
C3 GOL U . -13.66 6.70 7.28
O3 GOL U . -14.90 7.26 7.71
C1 GOL V . 18.20 -2.08 -16.02
O1 GOL V . 18.75 -1.83 -14.72
C2 GOL V . 17.55 -3.45 -16.05
O2 GOL V . 16.50 -3.52 -15.08
C3 GOL V . 17.06 -3.82 -17.44
O3 GOL V . 15.75 -3.27 -17.71
C1 GOL W . 6.46 -22.75 -21.31
O1 GOL W . 7.39 -21.73 -21.62
C2 GOL W . 5.08 -22.14 -21.41
O2 GOL W . 5.15 -20.88 -20.77
C3 GOL W . 3.96 -22.99 -20.81
O3 GOL W . 4.38 -24.27 -20.33
C ACT X . 7.45 -19.03 -1.57
O ACT X . 7.66 -17.79 -1.51
OXT ACT X . 6.28 -19.46 -1.58
CH3 ACT X . 8.55 -20.07 -1.55
#